data_8Q52
#
_entry.id   8Q52
#
_cell.length_a   129.560
_cell.length_b   129.560
_cell.length_c   43.640
_cell.angle_alpha   90.000
_cell.angle_beta   90.000
_cell.angle_gamma   90.000
#
_symmetry.space_group_name_H-M   'P 41 21 2'
#
loop_
_entity.id
_entity.type
_entity.pdbx_description
1 polymer 'Leucine-specific-binding protein,Chemotaxis protein CheY'
2 non-polymer 'SULFATE ION'
3 water water
#
_entity_poly.entity_id   1
_entity_poly.type   'polypeptide(L)'
_entity_poly.pdbx_seq_one_letter_code
;MDDIKVAVVGAMSGPIAQWGDMEFNGARQAIKDINAKGGIKGDKLVGVEYDDACDPKQAVAVANKIVNDGIKYVIGHLCS
SSTQPASDIYEDEGILMISPGATNPELTQRGYQHIMRTAGLDSSQGPTAAKYILETVKPQRVLIVDDAAFMRMMLKDIIT
KAGYEVAGEATNGREAVEKYKELKPDIVTMDITMPEMNGIDAIKEIMKIDPNAKIIVCSAMGQQAMVIEAIKAGAKDFIV
KPKRYDQDPANQGIVDALKADKKDPSGPYVWITYAAVQSLATALERTGSDEPLALVKDLKANGANTVIGPLNWDEKGDLK
G
;
_entity_poly.pdbx_strand_id   A
#
# COMPACT_ATOMS: atom_id res chain seq x y z
N ASP A 2 -7.62 -30.16 7.89
CA ASP A 2 -7.44 -29.89 6.47
C ASP A 2 -7.60 -28.39 6.19
N ASP A 3 -8.27 -27.69 7.10
CA ASP A 3 -8.44 -26.25 6.96
C ASP A 3 -7.08 -25.56 6.95
N ILE A 4 -6.98 -24.50 6.15
CA ILE A 4 -5.75 -23.73 6.00
C ILE A 4 -6.01 -22.35 6.59
N LYS A 5 -5.49 -22.12 7.79
CA LYS A 5 -5.67 -20.84 8.47
C LYS A 5 -4.73 -19.80 7.90
N VAL A 6 -5.27 -18.64 7.56
CA VAL A 6 -4.50 -17.52 7.03
C VAL A 6 -4.79 -16.30 7.89
N ALA A 7 -3.76 -15.76 8.52
CA ALA A 7 -3.91 -14.54 9.30
C ALA A 7 -3.97 -13.33 8.37
N VAL A 8 -4.88 -12.40 8.68
CA VAL A 8 -5.02 -11.14 7.96
C VAL A 8 -4.89 -10.02 8.97
N VAL A 9 -3.87 -9.18 8.83
CA VAL A 9 -3.52 -8.21 9.85
C VAL A 9 -3.55 -6.81 9.24
N GLY A 10 -4.31 -5.92 9.87
CA GLY A 10 -4.36 -4.53 9.44
C GLY A 10 -5.00 -3.68 10.51
N ALA A 11 -5.26 -2.42 10.14
CA ALA A 11 -5.86 -1.47 11.07
C ALA A 11 -7.38 -1.54 10.95
N MET A 12 -8.01 -2.17 11.94
CA MET A 12 -9.46 -2.11 12.07
C MET A 12 -9.91 -0.91 12.90
N SER A 13 -8.98 -0.22 13.53
CA SER A 13 -9.26 0.97 14.32
C SER A 13 -8.09 1.93 14.19
N GLY A 14 -8.30 3.15 14.66
CA GLY A 14 -7.27 4.16 14.60
C GLY A 14 -7.36 5.01 13.35
N PRO A 15 -6.33 5.83 13.10
CA PRO A 15 -6.39 6.76 11.95
C PRO A 15 -6.37 6.07 10.59
N ILE A 16 -5.78 4.88 10.49
CA ILE A 16 -5.60 4.19 9.22
C ILE A 16 -6.76 3.22 8.98
N ALA A 17 -7.85 3.40 9.72
CA ALA A 17 -8.93 2.42 9.69
C ALA A 17 -9.63 2.37 8.35
N GLN A 18 -9.77 3.52 7.66
CA GLN A 18 -10.51 3.53 6.40
C GLN A 18 -9.78 2.75 5.32
N TRP A 19 -8.46 2.66 5.40
CA TRP A 19 -7.70 1.84 4.46
C TRP A 19 -7.59 0.39 4.93
N GLY A 20 -7.65 0.16 6.24
CA GLY A 20 -7.73 -1.20 6.73
C GLY A 20 -9.03 -1.88 6.33
N ASP A 21 -10.12 -1.11 6.30
CA ASP A 21 -11.39 -1.65 5.81
C ASP A 21 -11.25 -2.17 4.38
N MET A 22 -10.50 -1.45 3.54
CA MET A 22 -10.25 -1.91 2.18
C MET A 22 -9.51 -3.25 2.19
N GLU A 23 -8.46 -3.36 2.99
CA GLU A 23 -7.65 -4.57 3.03
C GLU A 23 -8.48 -5.77 3.43
N PHE A 24 -9.27 -5.64 4.50
CA PHE A 24 -10.06 -6.77 4.99
C PHE A 24 -11.20 -7.11 4.03
N ASN A 25 -11.76 -6.10 3.35
CA ASN A 25 -12.79 -6.38 2.35
C ASN A 25 -12.23 -7.22 1.20
N GLY A 26 -11.05 -6.85 0.70
CA GLY A 26 -10.44 -7.62 -0.37
C GLY A 26 -10.01 -9.01 0.08
N ALA A 27 -9.44 -9.10 1.27
CA ALA A 27 -9.00 -10.40 1.78
C ALA A 27 -10.19 -11.34 1.99
N ARG A 28 -11.30 -10.82 2.53
CA ARG A 28 -12.48 -11.64 2.75
C ARG A 28 -13.04 -12.15 1.43
N GLN A 29 -13.16 -11.27 0.44
CA GLN A 29 -13.72 -11.68 -0.85
C GLN A 29 -12.82 -12.68 -1.56
N ALA A 30 -11.50 -12.51 -1.44
CA ALA A 30 -10.58 -13.43 -2.09
C ALA A 30 -10.68 -14.82 -1.49
N ILE A 31 -10.77 -14.91 -0.16
CA ILE A 31 -10.93 -16.21 0.50
C ILE A 31 -12.25 -16.85 0.08
N LYS A 32 -13.31 -16.05 0.02
CA LYS A 32 -14.61 -16.56 -0.39
C LYS A 32 -14.58 -17.07 -1.83
N ASP A 33 -14.01 -16.27 -2.73
CA ASP A 33 -13.95 -16.67 -4.13
C ASP A 33 -13.09 -17.90 -4.33
N ILE A 34 -11.98 -17.99 -3.61
CA ILE A 34 -11.09 -19.15 -3.76
C ILE A 34 -11.76 -20.41 -3.24
N ASN A 35 -12.47 -20.32 -2.12
CA ASN A 35 -13.16 -21.48 -1.57
C ASN A 35 -14.30 -21.92 -2.50
N ALA A 36 -14.99 -20.96 -3.12
CA ALA A 36 -16.06 -21.30 -4.05
C ALA A 36 -15.53 -21.95 -5.33
N LYS A 37 -14.23 -21.85 -5.61
CA LYS A 37 -13.61 -22.53 -6.72
C LYS A 37 -12.96 -23.85 -6.31
N GLY A 38 -13.24 -24.33 -5.10
CA GLY A 38 -12.67 -25.56 -4.61
C GLY A 38 -11.56 -25.41 -3.60
N GLY A 39 -11.25 -24.19 -3.17
CA GLY A 39 -10.19 -23.99 -2.21
C GLY A 39 -8.84 -24.39 -2.77
N ILE A 40 -8.03 -25.02 -1.94
CA ILE A 40 -6.71 -25.52 -2.34
C ILE A 40 -6.86 -27.03 -2.49
N LYS A 41 -7.21 -27.46 -3.70
CA LYS A 41 -7.42 -28.89 -4.00
C LYS A 41 -8.39 -29.53 -3.03
N GLY A 42 -9.45 -28.80 -2.68
CA GLY A 42 -10.45 -29.26 -1.75
C GLY A 42 -10.32 -28.74 -0.34
N ASP A 43 -9.17 -28.17 0.02
CA ASP A 43 -8.97 -27.67 1.37
C ASP A 43 -9.44 -26.22 1.48
N LYS A 44 -10.07 -25.90 2.61
CA LYS A 44 -10.73 -24.61 2.79
C LYS A 44 -9.77 -23.60 3.39
N LEU A 45 -9.71 -22.42 2.78
CA LEU A 45 -8.99 -21.29 3.37
C LEU A 45 -9.84 -20.65 4.46
N VAL A 46 -9.22 -20.40 5.61
CA VAL A 46 -9.90 -19.80 6.76
C VAL A 46 -9.15 -18.54 7.15
N GLY A 47 -9.81 -17.39 7.07
CA GLY A 47 -9.19 -16.13 7.43
C GLY A 47 -9.31 -15.88 8.93
N VAL A 48 -8.20 -15.47 9.53
CA VAL A 48 -8.15 -15.08 10.94
C VAL A 48 -7.72 -13.63 10.99
N GLU A 49 -8.64 -12.74 11.36
CA GLU A 49 -8.43 -11.31 11.23
C GLU A 49 -7.94 -10.72 12.55
N TYR A 50 -6.87 -9.92 12.47
CA TYR A 50 -6.30 -9.26 13.63
C TYR A 50 -6.20 -7.77 13.36
N ASP A 51 -6.33 -6.98 14.44
CA ASP A 51 -6.27 -5.53 14.38
C ASP A 51 -5.02 -5.07 15.12
N ASP A 52 -4.07 -4.50 14.39
CA ASP A 52 -2.88 -3.92 15.00
C ASP A 52 -2.98 -2.40 15.12
N ALA A 53 -4.07 -1.81 14.64
CA ALA A 53 -4.30 -0.36 14.70
C ALA A 53 -3.16 0.43 14.07
N CYS A 54 -2.39 -0.22 13.19
CA CYS A 54 -1.16 0.34 12.63
C CYS A 54 -0.28 0.93 13.72
N ASP A 55 -0.24 0.23 14.87
CA ASP A 55 0.58 0.61 16.00
C ASP A 55 1.70 -0.40 16.17
N PRO A 56 2.96 0.05 16.27
CA PRO A 56 4.08 -0.91 16.36
C PRO A 56 3.99 -1.84 17.56
N LYS A 57 3.59 -1.34 18.73
CA LYS A 57 3.48 -2.19 19.90
C LYS A 57 2.36 -3.20 19.73
N GLN A 58 1.20 -2.75 19.26
CA GLN A 58 0.08 -3.66 19.05
C GLN A 58 0.37 -4.67 17.95
N ALA A 59 1.18 -4.29 16.95
CA ALA A 59 1.52 -5.22 15.89
C ALA A 59 2.40 -6.35 16.40
N VAL A 60 3.29 -6.06 17.35
CA VAL A 60 4.14 -7.10 17.92
C VAL A 60 3.31 -8.09 18.72
N ALA A 61 2.32 -7.59 19.49
CA ALA A 61 1.43 -8.48 20.21
C ALA A 61 0.64 -9.36 19.25
N VAL A 62 0.15 -8.77 18.14
CA VAL A 62 -0.57 -9.55 17.14
C VAL A 62 0.33 -10.63 16.56
N ALA A 63 1.59 -10.28 16.26
CA ALA A 63 2.52 -11.25 15.70
C ALA A 63 2.78 -12.40 16.67
N ASN A 64 2.94 -12.08 17.96
CA ASN A 64 3.11 -13.13 18.96
C ASN A 64 1.83 -13.97 19.08
N LYS A 65 0.67 -13.33 19.00
CA LYS A 65 -0.59 -14.05 19.04
C LYS A 65 -0.70 -15.02 17.86
N ILE A 66 -0.26 -14.59 16.68
CA ILE A 66 -0.30 -15.45 15.50
C ILE A 66 0.67 -16.63 15.68
N VAL A 67 1.81 -16.38 16.31
CA VAL A 67 2.76 -17.45 16.57
C VAL A 67 2.16 -18.47 17.53
N ASN A 68 1.52 -17.99 18.60
CA ASN A 68 0.90 -18.89 19.56
C ASN A 68 -0.25 -19.66 18.94
N ASP A 69 -0.92 -19.09 17.94
CA ASP A 69 -2.01 -19.77 17.26
C ASP A 69 -1.54 -20.85 16.30
N GLY A 70 -0.24 -20.91 15.99
CA GLY A 70 0.25 -21.88 15.06
C GLY A 70 -0.07 -21.59 13.61
N ILE A 71 -0.39 -20.34 13.29
CA ILE A 71 -0.72 -19.96 11.91
C ILE A 71 0.57 -19.82 11.12
N LYS A 72 0.59 -20.38 9.91
CA LYS A 72 1.79 -20.41 9.09
C LYS A 72 1.84 -19.33 8.02
N TYR A 73 0.73 -18.69 7.71
CA TYR A 73 0.66 -17.74 6.60
C TYR A 73 0.01 -16.46 7.07
N VAL A 74 0.66 -15.33 6.79
CA VAL A 74 0.21 -14.02 7.25
C VAL A 74 0.12 -13.08 6.05
N ILE A 75 -1.04 -12.46 5.87
CA ILE A 75 -1.22 -11.39 4.89
C ILE A 75 -1.30 -10.08 5.68
N GLY A 76 -0.23 -9.31 5.61
CA GLY A 76 -0.11 -8.11 6.41
C GLY A 76 1.35 -7.80 6.65
N HIS A 77 1.57 -6.73 7.40
CA HIS A 77 0.52 -5.87 7.94
C HIS A 77 0.21 -4.78 6.93
N LEU A 78 -0.45 -3.70 7.39
CA LEU A 78 -0.87 -2.63 6.50
C LEU A 78 0.09 -1.45 6.49
N CYS A 79 0.74 -1.13 7.61
CA CYS A 79 1.62 0.01 7.72
C CYS A 79 3.07 -0.45 7.87
N SER A 80 4.00 0.42 7.44
CA SER A 80 5.41 0.05 7.43
C SER A 80 5.96 -0.11 8.84
N SER A 81 5.68 0.86 9.72
CA SER A 81 6.20 0.81 11.09
C SER A 81 5.59 -0.31 11.92
N SER A 82 4.51 -0.93 11.45
CA SER A 82 3.93 -2.09 12.12
C SER A 82 4.42 -3.38 11.52
N THR A 83 4.62 -3.41 10.20
CA THR A 83 5.07 -4.63 9.53
C THR A 83 6.54 -4.94 9.83
N GLN A 84 7.36 -3.90 10.06
CA GLN A 84 8.79 -4.12 10.25
C GLN A 84 9.09 -4.92 11.51
N PRO A 85 8.65 -4.50 12.71
CA PRO A 85 8.94 -5.33 13.90
C PRO A 85 8.20 -6.66 13.90
N ALA A 86 7.03 -6.72 13.26
CA ALA A 86 6.31 -7.99 13.19
C ALA A 86 7.04 -8.98 12.28
N SER A 87 7.66 -8.49 11.20
CA SER A 87 8.35 -9.37 10.27
C SER A 87 9.53 -10.07 10.92
N ASP A 88 10.17 -9.42 11.91
CA ASP A 88 11.23 -10.08 12.65
C ASP A 88 10.73 -11.33 13.35
N ILE A 89 9.52 -11.27 13.92
CA ILE A 89 8.95 -12.41 14.62
C ILE A 89 8.55 -13.50 13.63
N TYR A 90 7.91 -13.12 12.52
CA TYR A 90 7.48 -14.09 11.53
C TYR A 90 8.68 -14.81 10.91
N GLU A 91 9.75 -14.07 10.62
CA GLU A 91 10.95 -14.70 10.06
C GLU A 91 11.58 -15.66 11.06
N ASP A 92 11.61 -15.28 12.34
CA ASP A 92 12.22 -16.12 13.36
C ASP A 92 11.44 -17.41 13.56
N GLU A 93 10.12 -17.38 13.41
CA GLU A 93 9.27 -18.54 13.61
C GLU A 93 8.96 -19.28 12.31
N GLY A 94 9.58 -18.90 11.20
CA GLY A 94 9.33 -19.57 9.95
C GLY A 94 7.92 -19.40 9.44
N ILE A 95 7.36 -18.20 9.56
CA ILE A 95 6.00 -17.91 9.16
C ILE A 95 6.02 -17.03 7.92
N LEU A 96 5.28 -17.45 6.89
CA LEU A 96 5.17 -16.67 5.68
C LEU A 96 4.41 -15.36 5.94
N MET A 97 4.91 -14.28 5.36
CA MET A 97 4.27 -12.97 5.51
C MET A 97 4.33 -12.22 4.20
N ILE A 98 3.17 -11.93 3.62
CA ILE A 98 3.05 -11.10 2.43
C ILE A 98 2.30 -9.84 2.81
N SER A 99 2.97 -8.69 2.69
CA SER A 99 2.34 -7.45 3.12
C SER A 99 1.71 -6.72 1.94
N PRO A 100 0.47 -6.29 2.05
CA PRO A 100 -0.15 -5.46 1.00
C PRO A 100 -0.02 -3.96 1.19
N GLY A 101 0.81 -3.49 2.13
CA GLY A 101 0.88 -2.07 2.41
C GLY A 101 2.23 -1.55 2.86
N ALA A 102 3.11 -2.43 3.32
CA ALA A 102 4.42 -2.01 3.81
C ALA A 102 5.30 -1.61 2.63
N THR A 103 5.76 -0.36 2.65
CA THR A 103 6.58 0.18 1.56
C THR A 103 7.95 0.66 2.01
N ASN A 104 8.31 0.49 3.28
CA ASN A 104 9.62 0.90 3.74
C ASN A 104 10.69 0.02 3.09
N PRO A 105 11.85 0.59 2.74
CA PRO A 105 12.85 -0.19 2.00
C PRO A 105 13.53 -1.24 2.86
N GLU A 106 13.66 -1.02 4.16
CA GLU A 106 14.38 -1.93 5.03
C GLU A 106 13.69 -3.28 5.19
N LEU A 107 12.44 -3.41 4.75
CA LEU A 107 11.71 -4.65 4.96
C LEU A 107 12.35 -5.82 4.22
N THR A 108 12.78 -5.60 2.97
CA THR A 108 13.29 -6.66 2.12
C THR A 108 14.81 -6.58 1.92
N GLN A 109 15.52 -5.82 2.76
CA GLN A 109 16.95 -5.66 2.63
C GLN A 109 17.70 -6.26 3.81
N ARG A 110 17.13 -7.29 4.45
CA ARG A 110 17.75 -7.92 5.61
C ARG A 110 17.93 -9.42 5.43
N GLY A 111 17.84 -9.92 4.20
CA GLY A 111 18.06 -11.33 3.94
C GLY A 111 16.95 -12.25 4.39
N TYR A 112 15.81 -11.71 4.81
CA TYR A 112 14.71 -12.55 5.27
C TYR A 112 14.11 -13.30 4.09
N GLN A 113 13.90 -14.60 4.27
CA GLN A 113 13.40 -15.46 3.20
C GLN A 113 11.91 -15.75 3.30
N HIS A 114 11.26 -15.36 4.39
CA HIS A 114 9.83 -15.57 4.58
C HIS A 114 9.00 -14.32 4.29
N ILE A 115 9.63 -13.24 3.87
CA ILE A 115 8.98 -11.94 3.77
C ILE A 115 8.80 -11.58 2.30
N MET A 116 7.57 -11.19 1.93
CA MET A 116 7.24 -10.70 0.61
C MET A 116 6.30 -9.52 0.74
N ARG A 117 6.00 -8.87 -0.38
CA ARG A 117 5.01 -7.80 -0.39
C ARG A 117 4.46 -7.63 -1.80
N THR A 118 3.20 -7.19 -1.86
CA THR A 118 2.54 -6.86 -3.12
C THR A 118 2.38 -5.35 -3.32
N ALA A 119 3.11 -4.55 -2.55
CA ALA A 119 3.08 -3.10 -2.65
C ALA A 119 4.51 -2.58 -2.70
N GLY A 120 4.64 -1.26 -2.84
CA GLY A 120 5.94 -0.63 -2.84
C GLY A 120 6.76 -0.85 -4.08
N LEU A 121 6.14 -1.10 -5.23
CA LEU A 121 6.88 -1.30 -6.46
C LEU A 121 7.67 -0.05 -6.83
N ASP A 122 8.96 -0.25 -7.15
CA ASP A 122 9.85 0.85 -7.56
C ASP A 122 9.95 1.90 -6.46
N SER A 123 10.00 1.45 -5.20
CA SER A 123 10.17 2.30 -4.03
C SER A 123 9.00 3.26 -3.81
N SER A 124 7.82 2.93 -4.34
CA SER A 124 6.65 3.78 -4.13
C SER A 124 6.16 3.65 -2.69
N GLN A 125 5.73 4.76 -2.11
CA GLN A 125 5.28 4.80 -0.72
C GLN A 125 3.76 4.71 -0.61
N GLY A 126 3.18 3.70 -1.24
CA GLY A 126 1.75 3.46 -1.14
C GLY A 126 0.98 4.06 -2.29
N PRO A 127 -0.28 3.64 -2.45
CA PRO A 127 -1.11 4.16 -3.55
C PRO A 127 -1.76 5.50 -3.26
N THR A 128 -1.94 5.88 -1.99
CA THR A 128 -2.62 7.13 -1.64
C THR A 128 -1.71 7.99 -0.79
N ALA A 129 -1.74 9.30 -1.04
CA ALA A 129 -0.93 10.24 -0.26
C ALA A 129 -1.52 10.52 1.11
N ALA A 130 -2.84 10.38 1.25
CA ALA A 130 -3.49 10.64 2.54
C ALA A 130 -3.00 9.66 3.60
N LYS A 131 -2.97 8.38 3.27
CA LYS A 131 -2.50 7.37 4.22
C LYS A 131 -1.03 7.58 4.56
N TYR A 132 -0.21 7.90 3.56
CA TYR A 132 1.19 8.18 3.83
C TYR A 132 1.35 9.38 4.77
N ILE A 133 0.46 10.37 4.63
CA ILE A 133 0.57 11.56 5.48
C ILE A 133 0.24 11.22 6.93
N LEU A 134 -0.89 10.53 7.15
CA LEU A 134 -1.29 10.19 8.51
C LEU A 134 -0.31 9.21 9.14
N GLU A 135 0.32 8.36 8.34
CA GLU A 135 1.18 7.32 8.88
C GLU A 135 2.60 7.81 9.14
N THR A 136 3.08 8.78 8.35
CA THR A 136 4.47 9.22 8.42
C THR A 136 4.64 10.57 9.09
N VAL A 137 3.88 11.58 8.68
CA VAL A 137 4.14 12.97 9.08
C VAL A 137 3.16 13.38 10.17
N LYS A 138 3.58 14.34 11.00
CA LYS A 138 2.80 14.88 12.10
C LYS A 138 1.86 15.97 11.61
N PRO A 139 0.79 16.25 12.36
CA PRO A 139 -0.16 17.29 11.94
C PRO A 139 0.52 18.64 11.80
N GLN A 140 0.29 19.29 10.66
CA GLN A 140 0.92 20.57 10.33
C GLN A 140 0.12 21.22 9.21
N ARG A 141 0.67 22.29 8.64
CA ARG A 141 0.02 23.04 7.57
C ARG A 141 0.42 22.44 6.23
N VAL A 142 -0.57 22.07 5.42
CA VAL A 142 -0.35 21.38 4.15
C VAL A 142 -0.79 22.28 3.01
N LEU A 143 -0.02 22.28 1.93
CA LEU A 143 -0.35 22.98 0.69
C LEU A 143 -0.61 21.93 -0.38
N ILE A 144 -1.86 21.84 -0.83
CA ILE A 144 -2.27 20.81 -1.78
C ILE A 144 -2.19 21.39 -3.18
N VAL A 145 -1.35 20.79 -4.02
CA VAL A 145 -1.16 21.22 -5.40
C VAL A 145 -1.67 20.11 -6.30
N ASP A 146 -2.77 20.38 -7.00
CA ASP A 146 -3.37 19.40 -7.90
C ASP A 146 -4.32 20.12 -8.84
N ASP A 147 -4.32 19.70 -10.11
CA ASP A 147 -5.21 20.31 -11.09
C ASP A 147 -6.65 19.87 -10.87
N ALA A 148 -6.86 18.60 -10.54
CA ALA A 148 -8.20 18.07 -10.34
C ALA A 148 -8.73 18.53 -8.99
N ALA A 149 -9.88 19.21 -9.00
CA ALA A 149 -10.43 19.76 -7.77
C ALA A 149 -11.02 18.67 -6.89
N PHE A 150 -11.54 17.59 -7.47
CA PHE A 150 -12.11 16.52 -6.64
C PHE A 150 -11.03 15.78 -5.88
N MET A 151 -9.82 15.69 -6.42
CA MET A 151 -8.72 15.07 -5.69
CA MET A 151 -8.73 15.06 -5.69
C MET A 151 -8.29 15.91 -4.51
N ARG A 152 -8.37 17.24 -4.63
CA ARG A 152 -8.00 18.11 -3.53
C ARG A 152 -9.00 18.02 -2.39
N MET A 153 -10.30 18.03 -2.71
CA MET A 153 -11.30 17.95 -1.65
C MET A 153 -11.24 16.62 -0.93
N MET A 154 -10.94 15.54 -1.66
CA MET A 154 -10.81 14.23 -1.02
C MET A 154 -9.66 14.23 -0.02
N LEU A 155 -8.50 14.75 -0.44
CA LEU A 155 -7.35 14.79 0.46
C LEU A 155 -7.56 15.78 1.60
N LYS A 156 -8.24 16.90 1.32
CA LYS A 156 -8.48 17.90 2.35
C LYS A 156 -9.36 17.35 3.46
N ASP A 157 -10.44 16.66 3.10
CA ASP A 157 -11.37 16.14 4.10
C ASP A 157 -10.69 15.12 5.00
N ILE A 158 -9.79 14.31 4.46
CA ILE A 158 -9.16 13.24 5.23
C ILE A 158 -8.21 13.83 6.27
N ILE A 159 -7.32 14.73 5.84
CA ILE A 159 -6.30 15.24 6.75
C ILE A 159 -6.89 16.25 7.72
N THR A 160 -7.92 17.00 7.32
CA THR A 160 -8.54 17.95 8.24
C THR A 160 -9.23 17.22 9.39
N LYS A 161 -9.91 16.11 9.10
CA LYS A 161 -10.52 15.32 10.15
C LYS A 161 -9.48 14.75 11.10
N ALA A 162 -8.27 14.50 10.61
CA ALA A 162 -7.19 13.94 11.41
C ALA A 162 -6.36 15.01 12.12
N GLY A 163 -6.77 16.27 12.06
CA GLY A 163 -6.09 17.32 12.79
C GLY A 163 -5.05 18.09 12.01
N TYR A 164 -5.04 17.99 10.69
CA TYR A 164 -4.11 18.73 9.85
C TYR A 164 -4.78 20.01 9.36
N GLU A 165 -3.94 20.93 8.89
CA GLU A 165 -4.40 22.24 8.42
C GLU A 165 -4.05 22.38 6.95
N VAL A 166 -5.05 22.73 6.15
CA VAL A 166 -4.86 23.01 4.72
C VAL A 166 -4.56 24.49 4.60
N ALA A 167 -3.29 24.83 4.39
CA ALA A 167 -2.90 26.23 4.29
C ALA A 167 -3.44 26.86 3.02
N GLY A 168 -3.46 26.12 1.93
CA GLY A 168 -3.96 26.64 0.67
C GLY A 168 -3.97 25.55 -0.38
N GLU A 169 -4.46 25.91 -1.57
CA GLU A 169 -4.54 24.99 -2.69
C GLU A 169 -4.08 25.69 -3.96
N ALA A 170 -3.37 24.95 -4.80
CA ALA A 170 -2.89 25.45 -6.08
C ALA A 170 -3.27 24.47 -7.18
N THR A 171 -3.47 25.00 -8.39
CA THR A 171 -3.88 24.19 -9.53
C THR A 171 -2.78 23.95 -10.55
N ASN A 172 -1.74 24.76 -10.57
CA ASN A 172 -0.62 24.57 -11.49
C ASN A 172 0.68 24.86 -10.75
N GLY A 173 1.80 24.59 -11.44
CA GLY A 173 3.10 24.78 -10.83
C GLY A 173 3.44 26.23 -10.54
N ARG A 174 2.94 27.15 -11.38
CA ARG A 174 3.17 28.57 -11.13
C ARG A 174 2.48 29.00 -9.84
N GLU A 175 1.20 28.64 -9.68
CA GLU A 175 0.47 29.00 -8.48
C GLU A 175 1.05 28.33 -7.24
N ALA A 176 1.59 27.11 -7.39
CA ALA A 176 2.19 26.43 -6.25
C ALA A 176 3.34 27.24 -5.67
N VAL A 177 4.16 27.84 -6.53
CA VAL A 177 5.26 28.68 -6.07
C VAL A 177 4.73 29.96 -5.44
N GLU A 178 3.70 30.56 -6.04
CA GLU A 178 3.09 31.75 -5.46
C GLU A 178 2.50 31.45 -4.09
N LYS A 179 1.90 30.27 -3.92
CA LYS A 179 1.30 29.93 -2.64
C LYS A 179 2.35 29.57 -1.60
N TYR A 180 3.48 28.96 -2.01
CA TYR A 180 4.54 28.68 -1.06
C TYR A 180 5.17 29.96 -0.53
N LYS A 181 5.27 30.99 -1.36
CA LYS A 181 5.78 32.27 -0.90
C LYS A 181 4.84 32.90 0.12
N GLU A 182 3.54 32.90 -0.17
CA GLU A 182 2.58 33.62 0.65
C GLU A 182 2.27 32.88 1.94
N LEU A 183 2.17 31.54 1.89
CA LEU A 183 1.74 30.76 3.04
C LEU A 183 2.88 30.14 3.83
N LYS A 184 3.98 29.79 3.15
CA LYS A 184 5.12 29.10 3.77
C LYS A 184 4.64 27.85 4.51
N PRO A 185 4.11 26.85 3.80
CA PRO A 185 3.55 25.69 4.49
C PRO A 185 4.63 24.78 5.04
N ASP A 186 4.21 23.91 5.96
CA ASP A 186 5.13 22.95 6.55
C ASP A 186 5.39 21.77 5.61
N ILE A 187 4.42 21.41 4.78
CA ILE A 187 4.56 20.28 3.87
C ILE A 187 3.72 20.56 2.63
N VAL A 188 4.18 20.07 1.49
CA VAL A 188 3.52 20.29 0.20
C VAL A 188 3.26 18.93 -0.45
N THR A 189 2.03 18.72 -0.89
CA THR A 189 1.68 17.59 -1.74
C THR A 189 1.41 18.13 -3.15
N MET A 190 2.04 17.52 -4.14
CA MET A 190 1.98 18.04 -5.50
C MET A 190 1.84 16.89 -6.48
N ASP A 191 0.69 16.81 -7.15
CA ASP A 191 0.47 15.84 -8.21
C ASP A 191 1.17 16.31 -9.47
N ILE A 192 2.13 15.53 -9.96
CA ILE A 192 2.93 15.90 -11.13
C ILE A 192 2.55 15.06 -12.35
N THR A 193 1.34 14.50 -12.36
CA THR A 193 0.94 13.59 -13.43
C THR A 193 0.85 14.33 -14.77
N MET A 194 0.13 15.45 -14.80
CA MET A 194 -0.10 16.12 -16.07
C MET A 194 1.05 17.05 -16.41
N PRO A 195 1.38 17.18 -17.70
CA PRO A 195 2.48 18.08 -18.08
C PRO A 195 2.16 19.55 -17.84
N GLU A 196 0.88 19.93 -17.89
CA GLU A 196 0.52 21.33 -17.63
C GLU A 196 0.86 21.75 -16.21
N MET A 197 1.06 20.79 -15.30
CA MET A 197 1.46 21.13 -13.94
C MET A 197 2.88 21.66 -13.90
N ASN A 198 3.77 21.11 -14.72
CA ASN A 198 5.19 21.42 -14.69
C ASN A 198 5.75 21.26 -13.28
N GLY A 199 5.54 20.06 -12.72
CA GLY A 199 5.89 19.82 -11.34
C GLY A 199 7.38 19.91 -11.07
N ILE A 200 8.20 19.34 -11.96
CA ILE A 200 9.64 19.33 -11.75
C ILE A 200 10.18 20.76 -11.67
N ASP A 201 9.73 21.63 -12.58
CA ASP A 201 10.14 23.03 -12.54
C ASP A 201 9.63 23.71 -11.27
N ALA A 202 8.43 23.36 -10.83
CA ALA A 202 7.88 23.95 -9.62
C ALA A 202 8.68 23.55 -8.39
N ILE A 203 9.16 22.31 -8.35
CA ILE A 203 9.97 21.85 -7.22
C ILE A 203 11.26 22.65 -7.14
N LYS A 204 11.93 22.85 -8.28
CA LYS A 204 13.18 23.59 -8.28
C LYS A 204 12.97 25.04 -7.88
N GLU A 205 11.87 25.66 -8.35
CA GLU A 205 11.59 27.04 -7.97
C GLU A 205 11.27 27.16 -6.49
N ILE A 206 10.60 26.16 -5.92
CA ILE A 206 10.36 26.16 -4.48
C ILE A 206 11.65 25.93 -3.72
N MET A 207 12.51 25.05 -4.25
CA MET A 207 13.79 24.77 -3.59
C MET A 207 14.69 26.01 -3.57
N LYS A 208 14.58 26.88 -4.57
CA LYS A 208 15.35 28.12 -4.56
C LYS A 208 14.87 29.06 -3.47
N ILE A 209 13.57 29.06 -3.18
CA ILE A 209 13.03 29.91 -2.14
C ILE A 209 13.31 29.33 -0.76
N ASP A 210 13.09 28.02 -0.61
CA ASP A 210 13.32 27.34 0.66
C ASP A 210 14.05 26.03 0.41
N PRO A 211 15.34 25.95 0.72
CA PRO A 211 16.08 24.69 0.53
C PRO A 211 15.64 23.57 1.47
N ASN A 212 14.83 23.88 2.50
CA ASN A 212 14.36 22.88 3.45
C ASN A 212 12.89 22.55 3.22
N ALA A 213 12.37 22.80 2.03
CA ALA A 213 10.97 22.53 1.74
C ALA A 213 10.68 21.03 1.76
N LYS A 214 9.54 20.65 2.31
CA LYS A 214 9.09 19.26 2.34
C LYS A 214 8.02 19.08 1.28
N ILE A 215 8.37 18.44 0.18
CA ILE A 215 7.47 18.24 -0.95
C ILE A 215 7.26 16.75 -1.17
N ILE A 216 6.00 16.33 -1.17
CA ILE A 216 5.62 14.97 -1.51
C ILE A 216 4.91 15.01 -2.85
N VAL A 217 5.37 14.21 -3.80
CA VAL A 217 4.84 14.24 -5.16
C VAL A 217 4.01 13.00 -5.42
N CYS A 218 2.98 13.15 -6.24
CA CYS A 218 2.15 12.05 -6.68
C CYS A 218 2.29 11.90 -8.19
N SER A 219 2.42 10.65 -8.64
CA SER A 219 2.60 10.37 -10.05
C SER A 219 1.71 9.20 -10.46
N ALA A 220 1.70 8.92 -11.75
CA ALA A 220 0.96 7.81 -12.32
C ALA A 220 1.91 6.72 -12.78
N MET A 221 1.33 5.59 -13.18
CA MET A 221 2.13 4.47 -13.68
C MET A 221 2.89 4.88 -14.94
N GLY A 222 4.16 4.46 -15.01
CA GLY A 222 5.01 4.76 -16.14
C GLY A 222 5.84 6.02 -16.00
N GLN A 223 5.49 6.89 -15.05
CA GLN A 223 6.24 8.13 -14.81
C GLN A 223 7.43 7.92 -13.87
N GLN A 224 8.12 6.79 -13.99
CA GLN A 224 9.23 6.52 -13.08
C GLN A 224 10.35 7.53 -13.27
N ALA A 225 10.76 7.76 -14.52
CA ALA A 225 11.87 8.69 -14.79
C ALA A 225 11.60 10.07 -14.20
N MET A 226 10.37 10.57 -14.34
CA MET A 226 10.03 11.87 -13.78
C MET A 226 10.04 11.85 -12.26
N VAL A 227 9.74 10.71 -11.66
CA VAL A 227 9.76 10.60 -10.20
C VAL A 227 11.18 10.76 -9.67
N ILE A 228 12.17 10.13 -10.32
CA ILE A 228 13.56 10.27 -9.90
C ILE A 228 13.99 11.73 -10.01
N GLU A 229 13.57 12.43 -11.07
CA GLU A 229 13.94 13.83 -11.20
CA GLU A 229 13.93 13.83 -11.21
C GLU A 229 13.33 14.68 -10.09
N ALA A 230 12.13 14.31 -9.62
CA ALA A 230 11.51 15.05 -8.53
C ALA A 230 12.30 14.87 -7.24
N ILE A 231 12.71 13.63 -6.95
CA ILE A 231 13.46 13.37 -5.73
C ILE A 231 14.86 13.99 -5.84
N LYS A 232 15.45 13.95 -7.03
CA LYS A 232 16.74 14.61 -7.24
C LYS A 232 16.62 16.12 -7.07
N ALA A 233 15.50 16.70 -7.49
CA ALA A 233 15.29 18.13 -7.35
C ALA A 233 15.08 18.55 -5.90
N GLY A 234 14.75 17.60 -5.01
CA GLY A 234 14.63 17.91 -3.60
C GLY A 234 13.39 17.34 -2.93
N ALA A 235 12.53 16.67 -3.69
CA ALA A 235 11.32 16.11 -3.11
C ALA A 235 11.66 15.04 -2.07
N LYS A 236 10.83 14.96 -1.05
CA LYS A 236 11.11 14.06 0.06
C LYS A 236 10.74 12.61 -0.27
N ASP A 237 9.58 12.41 -0.88
CA ASP A 237 9.11 11.06 -1.23
C ASP A 237 8.10 11.19 -2.36
N PHE A 238 7.65 10.05 -2.87
CA PHE A 238 6.73 10.04 -4.00
C PHE A 238 5.67 8.96 -3.82
N ILE A 239 4.49 9.25 -4.38
CA ILE A 239 3.35 8.33 -4.39
C ILE A 239 3.04 8.01 -5.84
N VAL A 240 2.82 6.73 -6.14
CA VAL A 240 2.48 6.28 -7.49
C VAL A 240 1.04 5.80 -7.47
N LYS A 241 0.15 6.56 -8.10
CA LYS A 241 -1.25 6.17 -8.20
C LYS A 241 -1.39 4.95 -9.09
N PRO A 242 -1.95 3.85 -8.60
CA PRO A 242 -2.03 2.63 -9.40
C PRO A 242 -3.22 2.66 -10.36
N LYS A 243 -3.20 1.71 -11.28
CA LYS A 243 -4.31 1.56 -12.22
C LYS A 243 -5.59 1.21 -11.46
N ARG A 244 -6.69 1.81 -11.88
CA ARG A 244 -7.99 1.54 -11.26
C ARG A 244 -8.42 0.09 -11.54
N TYR A 245 -8.03 -0.83 -10.66
CA TYR A 245 -8.31 -2.24 -10.89
C TYR A 245 -9.81 -2.52 -10.88
N ASP A 246 -10.59 -1.69 -10.20
CA ASP A 246 -12.04 -1.87 -10.20
C ASP A 246 -12.67 -1.60 -11.57
N GLN A 247 -11.95 -0.92 -12.46
CA GLN A 247 -12.42 -0.66 -13.80
C GLN A 247 -11.93 -1.69 -14.82
N ASP A 248 -11.11 -2.64 -14.39
CA ASP A 248 -10.74 -3.76 -15.23
C ASP A 248 -11.97 -4.63 -15.47
N PRO A 249 -12.37 -4.86 -16.72
CA PRO A 249 -13.56 -5.69 -16.97
C PRO A 249 -13.42 -7.12 -16.47
N ALA A 250 -12.20 -7.64 -16.34
CA ALA A 250 -12.00 -8.97 -15.80
C ALA A 250 -12.31 -9.04 -14.31
N ASN A 251 -12.34 -7.90 -13.62
CA ASN A 251 -12.61 -7.83 -12.19
C ASN A 251 -14.04 -7.44 -11.88
N GLN A 252 -14.94 -7.50 -12.87
CA GLN A 252 -16.31 -7.02 -12.67
C GLN A 252 -17.05 -7.87 -11.65
N GLY A 253 -16.80 -9.18 -11.63
CA GLY A 253 -17.49 -10.05 -10.70
C GLY A 253 -17.16 -9.75 -9.26
N ILE A 254 -15.92 -9.35 -8.98
CA ILE A 254 -15.54 -8.96 -7.62
C ILE A 254 -16.14 -7.60 -7.28
N VAL A 255 -16.14 -6.67 -8.25
CA VAL A 255 -16.80 -5.39 -8.06
C VAL A 255 -18.27 -5.60 -7.71
N ASP A 256 -18.94 -6.49 -8.45
CA ASP A 256 -20.34 -6.77 -8.17
C ASP A 256 -20.52 -7.39 -6.79
N ALA A 257 -19.61 -8.27 -6.39
CA ALA A 257 -19.72 -8.91 -5.09
C ALA A 257 -19.52 -7.90 -3.96
N LEU A 258 -18.57 -6.98 -4.13
CA LEU A 258 -18.36 -5.95 -3.10
C LEU A 258 -19.54 -4.98 -3.05
N LYS A 259 -20.14 -4.68 -4.20
CA LYS A 259 -21.28 -3.76 -4.21
C LYS A 259 -22.51 -4.39 -3.57
N ALA A 260 -22.68 -5.70 -3.73
CA ALA A 260 -23.81 -6.37 -3.10
C ALA A 260 -23.68 -6.36 -1.58
N ASP A 261 -22.45 -6.27 -1.07
CA ASP A 261 -22.20 -6.12 0.36
C ASP A 261 -22.12 -4.66 0.80
N LYS A 262 -22.45 -3.72 -0.10
CA LYS A 262 -22.39 -2.29 0.18
C LYS A 262 -20.99 -1.88 0.64
N LYS A 263 -19.97 -2.39 -0.05
CA LYS A 263 -18.58 -2.03 0.19
C LYS A 263 -18.03 -1.28 -1.01
N ASP A 264 -17.25 -0.25 -0.74
CA ASP A 264 -16.65 0.55 -1.81
C ASP A 264 -15.55 -0.24 -2.50
N PRO A 265 -15.70 -0.57 -3.78
CA PRO A 265 -14.67 -1.36 -4.48
C PRO A 265 -13.59 -0.53 -5.17
N SER A 266 -13.58 0.79 -5.00
CA SER A 266 -12.59 1.61 -5.70
C SER A 266 -11.27 1.72 -4.96
N GLY A 267 -11.23 1.34 -3.68
CA GLY A 267 -10.02 1.42 -2.90
C GLY A 267 -8.93 0.52 -3.44
N PRO A 268 -7.71 1.06 -3.58
CA PRO A 268 -6.61 0.26 -4.11
C PRO A 268 -6.21 -0.90 -3.23
N TYR A 269 -6.31 -0.74 -1.90
CA TYR A 269 -5.93 -1.82 -0.99
C TYR A 269 -6.88 -3.00 -1.06
N VAL A 270 -8.09 -2.81 -1.61
CA VAL A 270 -8.98 -3.94 -1.87
C VAL A 270 -8.31 -4.94 -2.80
N TRP A 271 -7.69 -4.43 -3.87
CA TRP A 271 -7.14 -5.29 -4.89
C TRP A 271 -5.70 -5.72 -4.59
N ILE A 272 -4.94 -4.87 -3.88
CA ILE A 272 -3.59 -5.26 -3.49
C ILE A 272 -3.65 -6.39 -2.47
N THR A 273 -4.60 -6.34 -1.55
CA THR A 273 -4.76 -7.43 -0.58
C THR A 273 -5.36 -8.66 -1.23
N TYR A 274 -6.34 -8.47 -2.13
CA TYR A 274 -6.87 -9.59 -2.91
C TYR A 274 -5.75 -10.30 -3.65
N ALA A 275 -4.84 -9.54 -4.24
CA ALA A 275 -3.72 -10.12 -4.98
C ALA A 275 -2.82 -10.94 -4.06
N ALA A 276 -2.63 -10.47 -2.82
CA ALA A 276 -1.78 -11.19 -1.87
C ALA A 276 -2.38 -12.55 -1.53
N VAL A 277 -3.71 -12.60 -1.34
CA VAL A 277 -4.36 -13.88 -1.07
C VAL A 277 -4.24 -14.81 -2.27
N GLN A 278 -4.40 -14.26 -3.48
CA GLN A 278 -4.27 -15.07 -4.68
C GLN A 278 -2.86 -15.63 -4.82
N SER A 279 -1.84 -14.83 -4.46
CA SER A 279 -0.46 -15.30 -4.55
C SER A 279 -0.23 -16.47 -3.61
N LEU A 280 -0.71 -16.37 -2.37
CA LEU A 280 -0.57 -17.47 -1.42
C LEU A 280 -1.31 -18.71 -1.91
N ALA A 281 -2.54 -18.53 -2.40
CA ALA A 281 -3.30 -19.66 -2.92
C ALA A 281 -2.62 -20.29 -4.13
N THR A 282 -2.02 -19.47 -4.98
CA THR A 282 -1.32 -19.98 -6.15
C THR A 282 -0.15 -20.88 -5.73
N ALA A 283 0.65 -20.43 -4.76
CA ALA A 283 1.79 -21.22 -4.32
C ALA A 283 1.34 -22.50 -3.62
N LEU A 284 0.28 -22.44 -2.84
CA LEU A 284 -0.21 -23.62 -2.14
C LEU A 284 -0.71 -24.67 -3.13
N GLU A 285 -1.38 -24.23 -4.20
CA GLU A 285 -1.92 -25.17 -5.18
C GLU A 285 -0.82 -25.70 -6.10
N ARG A 286 0.15 -24.87 -6.45
CA ARG A 286 1.17 -25.27 -7.41
C ARG A 286 2.19 -26.23 -6.82
N THR A 287 2.55 -26.04 -5.55
CA THR A 287 3.57 -26.88 -4.91
C THR A 287 2.96 -28.07 -4.18
N GLY A 288 1.74 -27.95 -3.68
CA GLY A 288 1.20 -28.97 -2.81
C GLY A 288 1.93 -29.09 -1.50
N SER A 289 2.69 -28.07 -1.12
CA SER A 289 3.51 -28.09 0.08
C SER A 289 2.94 -27.15 1.13
N ASP A 290 3.23 -27.45 2.39
CA ASP A 290 2.83 -26.63 3.52
C ASP A 290 3.94 -25.71 4.01
N GLU A 291 5.18 -25.93 3.57
CA GLU A 291 6.32 -25.19 4.10
C GLU A 291 6.32 -23.77 3.56
N PRO A 292 6.31 -22.74 4.40
CA PRO A 292 6.36 -21.36 3.90
C PRO A 292 7.57 -21.06 3.04
N LEU A 293 8.71 -21.68 3.31
CA LEU A 293 9.90 -21.42 2.50
C LEU A 293 9.72 -21.92 1.07
N ALA A 294 9.08 -23.09 0.91
CA ALA A 294 8.83 -23.59 -0.44
C ALA A 294 7.81 -22.72 -1.17
N LEU A 295 6.84 -22.17 -0.45
CA LEU A 295 5.84 -21.31 -1.07
C LEU A 295 6.46 -20.01 -1.55
N VAL A 296 7.35 -19.43 -0.75
CA VAL A 296 8.01 -18.18 -1.14
C VAL A 296 8.95 -18.43 -2.32
N LYS A 297 9.70 -19.53 -2.28
CA LYS A 297 10.60 -19.86 -3.38
C LYS A 297 9.83 -20.10 -4.67
N ASP A 298 8.65 -20.72 -4.58
CA ASP A 298 7.84 -20.95 -5.77
C ASP A 298 7.34 -19.64 -6.37
N LEU A 299 6.92 -18.70 -5.51
CA LEU A 299 6.44 -17.42 -6.02
C LEU A 299 7.58 -16.60 -6.62
N LYS A 300 8.78 -16.70 -6.03
CA LYS A 300 9.92 -15.98 -6.57
C LYS A 300 10.37 -16.57 -7.91
N ALA A 301 10.04 -17.83 -8.16
CA ALA A 301 10.48 -18.49 -9.40
C ALA A 301 9.43 -18.43 -10.50
N ASN A 302 8.14 -18.51 -10.15
CA ASN A 302 7.08 -18.64 -11.12
C ASN A 302 6.06 -17.51 -11.12
N GLY A 303 5.98 -16.72 -10.05
CA GLY A 303 5.04 -15.62 -10.02
C GLY A 303 3.61 -16.08 -9.81
N ALA A 304 2.68 -15.17 -10.07
CA ALA A 304 1.26 -15.45 -9.89
C ALA A 304 0.44 -14.45 -10.69
N ASN A 305 -0.70 -14.93 -11.20
CA ASN A 305 -1.67 -14.09 -11.89
C ASN A 305 -2.69 -13.60 -10.87
N THR A 306 -2.84 -12.29 -10.74
CA THR A 306 -3.70 -11.69 -9.74
C THR A 306 -4.62 -10.65 -10.37
N VAL A 307 -5.52 -10.11 -9.54
CA VAL A 307 -6.44 -9.07 -10.00
C VAL A 307 -5.75 -7.76 -10.30
N ILE A 308 -4.48 -7.60 -9.91
CA ILE A 308 -3.70 -6.42 -10.23
C ILE A 308 -2.67 -6.72 -11.31
N GLY A 309 -2.85 -7.83 -12.03
CA GLY A 309 -1.96 -8.18 -13.12
C GLY A 309 -0.99 -9.28 -12.73
N PRO A 310 -0.20 -9.75 -13.70
CA PRO A 310 0.81 -10.77 -13.39
C PRO A 310 1.90 -10.20 -12.49
N LEU A 311 2.17 -10.88 -11.39
CA LEU A 311 3.14 -10.44 -10.40
C LEU A 311 4.37 -11.32 -10.42
N ASN A 312 5.53 -10.71 -10.20
CA ASN A 312 6.79 -11.43 -10.07
C ASN A 312 7.62 -10.77 -8.98
N TRP A 313 8.40 -11.57 -8.28
CA TRP A 313 9.19 -11.11 -7.15
C TRP A 313 10.66 -11.45 -7.36
N ASP A 314 11.54 -10.60 -6.81
CA ASP A 314 12.96 -10.89 -6.83
C ASP A 314 13.32 -11.78 -5.64
N GLU A 315 14.62 -12.06 -5.49
CA GLU A 315 15.07 -12.93 -4.42
C GLU A 315 14.88 -12.32 -3.04
N LYS A 316 14.69 -11.01 -2.96
CA LYS A 316 14.50 -10.33 -1.68
C LYS A 316 13.03 -10.23 -1.26
N GLY A 317 12.10 -10.58 -2.15
CA GLY A 317 10.69 -10.48 -1.85
C GLY A 317 9.99 -9.26 -2.42
N ASP A 318 10.73 -8.35 -3.05
CA ASP A 318 10.13 -7.17 -3.65
C ASP A 318 9.54 -7.49 -5.02
N LEU A 319 8.52 -6.72 -5.40
CA LEU A 319 7.95 -6.85 -6.73
C LEU A 319 8.96 -6.40 -7.79
N LYS A 320 8.89 -7.02 -8.96
CA LYS A 320 9.72 -6.65 -10.09
C LYS A 320 8.85 -6.49 -11.33
N GLY A 321 9.34 -5.69 -12.27
CA GLY A 321 8.62 -5.46 -13.52
C GLY A 321 8.36 -3.99 -13.80
#